data_8QZA
#
_entry.id   8QZA
#
_cell.length_a   62.352
_cell.length_b   75.986
_cell.length_c   74.589
_cell.angle_alpha   90.000
_cell.angle_beta   93.991
_cell.angle_gamma   90.000
#
_symmetry.space_group_name_H-M   'P 1 21 1'
#
loop_
_entity.id
_entity.type
_entity.pdbx_description
1 polymer 'D-2-hydroxyacid dehydrogenase'
2 non-polymer 'MAGNESIUM ION'
3 non-polymer 'SODIUM ION'
4 water water
#
_entity_poly.entity_id   1
_entity_poly.type   'polypeptide(L)'
_entity_poly.pdbx_seq_one_letter_code
;MHIERLAVDESVGRAMPPQRFIEALSDLGVPVEFAGEDEQFGPGDAVASFGHRDAFLDADWVHCIRAGYDEFPVGVYEEA
GTYLTNSTGIHGTTVGETVAGYMLTFARRLHAYRDAQHDHAWDLPRYEEPFTLAGERVCVVGLGTLGRGVVDRAAALGME
VVGVRRSGDPVDNVSTVYTPDRLHEAIADARFVVLATPLTDETEGMVAAPEFETMREDASLVNVARGPVVVESDLVAALD
SGDIAGAALDVFSEEPLPEDSPLWDFEDVLITPHVSAATSKYHEDVAALIRENIEKIATGDELTNRVV
;
_entity_poly.pdbx_strand_id   A,B
#
# COMPACT_ATOMS: atom_id res chain seq x y z
N MET A 1 -0.54 19.84 -41.25
CA MET A 1 0.89 19.49 -41.46
C MET A 1 1.02 17.96 -41.52
N HIS A 2 1.64 17.41 -42.59
CA HIS A 2 1.51 16.00 -43.03
C HIS A 2 2.78 15.23 -42.63
N ILE A 3 2.63 14.26 -41.69
CA ILE A 3 3.75 13.70 -40.95
C ILE A 3 4.20 12.39 -41.62
N GLU A 4 5.45 12.37 -42.13
CA GLU A 4 6.01 11.32 -42.98
C GLU A 4 6.66 10.20 -42.15
N ARG A 5 7.25 10.52 -40.97
CA ARG A 5 8.31 9.74 -40.34
C ARG A 5 8.30 9.99 -38.82
N LEU A 6 8.69 8.99 -37.98
CA LEU A 6 9.01 9.24 -36.57
C LEU A 6 10.43 8.79 -36.21
N ALA A 7 11.17 9.66 -35.51
CA ALA A 7 12.53 9.43 -35.03
C ALA A 7 12.59 9.42 -33.50
N VAL A 8 13.59 8.69 -32.98
CA VAL A 8 13.77 8.38 -31.57
C VAL A 8 15.19 8.75 -31.13
N ASP A 9 15.35 9.89 -30.44
CA ASP A 9 16.65 10.35 -29.91
C ASP A 9 17.32 9.22 -29.12
N GLU A 10 18.65 9.15 -29.23
CA GLU A 10 19.46 8.13 -28.57
C GLU A 10 19.32 8.20 -27.05
N SER A 11 19.12 9.42 -26.48
CA SER A 11 19.11 9.65 -25.04
C SER A 11 17.69 9.63 -24.41
N VAL A 12 16.67 9.07 -25.11
CA VAL A 12 15.51 8.46 -24.45
C VAL A 12 15.95 7.17 -23.74
N GLY A 13 17.02 6.50 -24.21
CA GLY A 13 17.72 5.43 -23.52
C GLY A 13 17.99 5.70 -22.03
N ARG A 14 18.16 6.97 -21.66
CA ARG A 14 18.41 7.39 -20.29
C ARG A 14 17.18 7.18 -19.41
N ALA A 15 15.97 6.93 -19.97
CA ALA A 15 14.76 6.59 -19.21
C ALA A 15 14.08 5.25 -19.63
N MET A 16 14.34 4.67 -20.81
CA MET A 16 13.64 3.47 -21.25
C MET A 16 14.42 2.81 -22.40
N PRO A 17 14.45 1.46 -22.53
CA PRO A 17 14.95 0.78 -23.72
C PRO A 17 14.30 1.23 -25.03
N PRO A 18 15.03 1.99 -25.89
CA PRO A 18 14.45 2.53 -27.12
C PRO A 18 13.92 1.45 -28.06
N GLN A 19 14.44 0.23 -27.94
CA GLN A 19 13.93 -0.92 -28.67
C GLN A 19 12.49 -1.26 -28.27
N ARG A 20 12.24 -1.30 -26.95
CA ARG A 20 10.90 -1.50 -26.40
C ARG A 20 9.96 -0.36 -26.83
N PHE A 21 10.49 0.88 -26.85
CA PHE A 21 9.75 2.07 -27.27
C PHE A 21 9.36 1.99 -28.76
N ILE A 22 10.30 1.59 -29.64
CA ILE A 22 9.97 1.36 -31.05
C ILE A 22 8.86 0.30 -31.20
N GLU A 23 8.91 -0.85 -30.49
CA GLU A 23 7.83 -1.85 -30.52
C GLU A 23 6.45 -1.19 -30.31
N ALA A 24 6.38 -0.31 -29.29
CA ALA A 24 5.12 0.28 -28.82
C ALA A 24 4.62 1.39 -29.74
N LEU A 25 5.51 1.88 -30.62
CA LEU A 25 5.20 2.85 -31.69
C LEU A 25 4.84 2.19 -33.03
N SER A 26 4.89 0.85 -33.14
CA SER A 26 4.64 0.11 -34.38
C SER A 26 3.14 -0.23 -34.58
N ASP A 27 2.24 0.71 -34.32
CA ASP A 27 0.86 0.63 -34.75
C ASP A 27 0.36 2.07 -34.93
N LEU A 28 1.14 2.87 -35.67
CA LEU A 28 1.04 4.32 -35.64
C LEU A 28 0.33 4.87 -36.88
N GLY A 29 0.57 4.26 -38.06
CA GLY A 29 0.21 4.85 -39.36
C GLY A 29 1.42 5.33 -40.17
N VAL A 30 2.53 5.69 -39.48
CA VAL A 30 3.68 6.36 -40.08
C VAL A 30 4.96 5.60 -39.73
N PRO A 31 5.94 5.46 -40.66
CA PRO A 31 7.24 4.86 -40.37
C PRO A 31 7.97 5.36 -39.12
N VAL A 32 8.44 4.41 -38.28
CA VAL A 32 9.15 4.65 -37.02
C VAL A 32 10.61 4.23 -37.19
N GLU A 33 11.60 4.98 -36.67
CA GLU A 33 13.01 4.65 -36.88
C GLU A 33 13.89 5.29 -35.79
N PHE A 34 14.98 4.60 -35.40
CA PHE A 34 15.95 5.10 -34.43
C PHE A 34 16.77 6.26 -35.01
N ALA A 35 17.07 7.28 -34.19
CA ALA A 35 17.92 8.39 -34.57
C ALA A 35 19.27 8.28 -33.85
N GLY A 36 20.37 8.61 -34.57
CA GLY A 36 21.67 8.93 -33.96
C GLY A 36 21.64 10.27 -33.24
N GLU A 37 22.72 10.59 -32.51
CA GLU A 37 22.87 11.86 -31.78
C GLU A 37 23.41 12.99 -32.71
N ASP A 38 23.68 12.68 -33.99
CA ASP A 38 23.66 13.67 -35.08
C ASP A 38 22.84 13.09 -36.23
N GLU A 39 21.63 13.64 -36.45
CA GLU A 39 20.84 13.39 -37.64
C GLU A 39 20.13 14.70 -37.99
N GLN A 40 19.85 14.90 -39.29
CA GLN A 40 19.05 16.03 -39.78
C GLN A 40 17.67 15.51 -40.19
N PHE A 41 16.68 16.39 -40.12
CA PHE A 41 15.26 16.03 -40.24
C PHE A 41 14.55 17.08 -41.08
N GLY A 42 13.81 16.64 -42.11
CA GLY A 42 13.17 17.53 -43.05
C GLY A 42 11.76 17.94 -42.61
N PRO A 43 10.94 18.44 -43.57
CA PRO A 43 9.47 18.40 -43.44
C PRO A 43 8.88 17.01 -43.23
N GLY A 44 7.74 16.94 -42.51
CA GLY A 44 7.10 15.68 -42.14
C GLY A 44 7.82 14.85 -41.05
N ASP A 45 8.85 15.42 -40.39
CA ASP A 45 9.65 14.67 -39.45
C ASP A 45 9.17 14.94 -38.01
N ALA A 46 8.95 13.84 -37.27
CA ALA A 46 8.63 13.84 -35.85
C ALA A 46 9.78 13.22 -35.05
N VAL A 47 10.23 13.90 -34.00
CA VAL A 47 11.27 13.41 -33.11
C VAL A 47 10.64 13.15 -31.74
N ALA A 48 11.00 12.04 -31.08
CA ALA A 48 10.77 11.85 -29.65
C ALA A 48 12.11 11.76 -28.91
N SER A 49 12.25 12.46 -27.79
CA SER A 49 13.55 12.71 -27.17
C SER A 49 13.42 12.93 -25.67
N PHE A 50 14.52 12.64 -24.93
CA PHE A 50 14.68 13.04 -23.55
C PHE A 50 14.86 14.56 -23.47
N GLY A 51 16.00 15.06 -23.99
CA GLY A 51 16.47 16.44 -23.85
C GLY A 51 16.43 17.22 -25.16
N HIS A 52 17.01 18.46 -25.18
CA HIS A 52 17.02 19.36 -26.34
C HIS A 52 18.13 18.98 -27.32
N ARG A 53 17.90 19.20 -28.61
CA ARG A 53 18.92 19.06 -29.64
C ARG A 53 18.58 20.01 -30.79
N ASP A 54 19.62 20.66 -31.34
CA ASP A 54 19.42 21.75 -32.29
C ASP A 54 19.16 21.17 -33.69
N ALA A 55 19.80 20.06 -34.09
CA ALA A 55 19.50 19.41 -35.37
C ALA A 55 18.01 19.05 -35.56
N PHE A 56 17.22 18.99 -34.45
CA PHE A 56 15.78 18.74 -34.44
C PHE A 56 14.89 19.94 -34.80
N LEU A 57 15.42 21.18 -34.83
CA LEU A 57 14.64 22.36 -35.21
C LEU A 57 14.28 22.35 -36.70
N ASP A 58 14.98 21.55 -37.55
CA ASP A 58 14.57 21.27 -38.93
C ASP A 58 13.37 20.30 -39.02
N ALA A 59 12.92 19.71 -37.91
CA ALA A 59 11.76 18.83 -37.88
C ALA A 59 10.48 19.61 -37.53
N ASP A 60 9.33 18.98 -37.80
CA ASP A 60 8.01 19.57 -37.57
C ASP A 60 7.58 19.54 -36.09
N TRP A 61 8.05 18.58 -35.28
CA TRP A 61 7.33 18.10 -34.10
C TRP A 61 8.29 17.39 -33.14
N VAL A 62 8.47 17.92 -31.92
CA VAL A 62 9.27 17.27 -30.89
C VAL A 62 8.38 16.91 -29.70
N HIS A 63 8.45 15.63 -29.26
CA HIS A 63 7.79 15.16 -28.03
C HIS A 63 8.84 14.85 -26.96
N CYS A 64 8.85 15.65 -25.88
CA CYS A 64 9.63 15.35 -24.69
C CYS A 64 8.97 14.18 -23.93
N ILE A 65 9.78 13.15 -23.62
CA ILE A 65 9.34 11.97 -22.88
C ILE A 65 9.26 12.21 -21.38
N ARG A 66 9.67 13.42 -20.89
CA ARG A 66 9.56 13.81 -19.49
C ARG A 66 8.31 14.65 -19.26
N ALA A 67 7.86 14.65 -18.00
CA ALA A 67 6.87 15.58 -17.46
C ALA A 67 7.42 17.01 -17.48
N GLY A 68 8.72 17.14 -17.17
CA GLY A 68 9.39 18.43 -17.14
C GLY A 68 9.66 18.97 -18.55
N TYR A 69 9.90 20.28 -18.60
CA TYR A 69 10.24 21.00 -19.82
C TYR A 69 11.39 21.98 -19.56
N ASP A 70 11.94 22.06 -18.33
CA ASP A 70 12.76 23.20 -17.94
C ASP A 70 14.15 23.12 -18.61
N GLU A 71 14.56 21.96 -19.17
CA GLU A 71 15.80 21.83 -19.95
C GLU A 71 15.53 21.91 -21.47
N PHE A 72 14.61 22.79 -21.89
CA PHE A 72 14.34 23.05 -23.30
C PHE A 72 14.36 24.56 -23.57
N PRO A 73 15.04 25.03 -24.64
CA PRO A 73 14.99 26.45 -25.03
C PRO A 73 13.64 26.86 -25.66
N VAL A 74 12.70 27.34 -24.81
CA VAL A 74 11.28 27.50 -25.13
C VAL A 74 11.11 28.55 -26.24
N GLY A 75 11.88 29.65 -26.18
CA GLY A 75 11.98 30.67 -27.22
C GLY A 75 12.26 30.14 -28.62
N VAL A 76 13.36 29.39 -28.81
CA VAL A 76 13.95 29.13 -30.13
C VAL A 76 13.10 28.15 -30.94
N TYR A 77 12.34 27.26 -30.26
CA TYR A 77 11.31 26.41 -30.88
C TYR A 77 10.22 27.25 -31.55
N GLU A 78 9.84 28.41 -30.97
CA GLU A 78 8.96 29.38 -31.63
C GLU A 78 9.42 29.75 -33.04
N GLU A 79 10.73 30.03 -33.18
CA GLU A 79 11.33 30.70 -34.33
C GLU A 79 11.27 29.80 -35.57
N ALA A 80 11.63 28.52 -35.43
CA ALA A 80 11.67 27.57 -36.53
C ALA A 80 10.32 26.89 -36.82
N GLY A 81 9.27 27.22 -36.04
CA GLY A 81 7.92 26.70 -36.27
C GLY A 81 7.78 25.26 -35.80
N THR A 82 8.62 24.86 -34.81
CA THR A 82 8.73 23.51 -34.31
C THR A 82 7.83 23.36 -33.08
N TYR A 83 6.84 22.47 -33.18
CA TYR A 83 5.97 22.10 -32.05
C TYR A 83 6.77 21.36 -30.97
N LEU A 84 6.52 21.72 -29.68
CA LEU A 84 7.05 21.04 -28.50
C LEU A 84 5.94 20.61 -27.54
N THR A 85 5.96 19.31 -27.20
CA THR A 85 5.11 18.73 -26.14
C THR A 85 5.96 18.03 -25.07
N ASN A 86 5.30 17.74 -23.93
CA ASN A 86 5.91 17.01 -22.82
C ASN A 86 5.00 15.84 -22.41
N SER A 87 5.40 15.14 -21.33
CA SER A 87 4.68 13.95 -20.87
C SER A 87 4.06 14.20 -19.48
N THR A 88 3.41 15.34 -19.32
CA THR A 88 2.68 15.64 -18.11
C THR A 88 1.39 14.84 -18.15
N GLY A 89 0.93 14.42 -16.97
CA GLY A 89 -0.38 13.81 -16.83
C GLY A 89 -0.38 12.30 -16.91
N ILE A 90 0.79 11.63 -16.99
CA ILE A 90 0.86 10.18 -17.17
C ILE A 90 1.49 9.48 -15.95
N HIS A 91 1.59 10.16 -14.80
CA HIS A 91 2.38 9.71 -13.65
C HIS A 91 1.48 9.55 -12.41
N GLY A 92 0.16 9.71 -12.55
CA GLY A 92 -0.75 9.72 -11.42
C GLY A 92 -0.91 8.31 -10.83
N THR A 93 -0.78 7.29 -11.66
CA THR A 93 -0.93 5.94 -11.21
C THR A 93 0.33 5.52 -10.48
N THR A 94 1.50 5.60 -11.11
CA THR A 94 2.71 5.15 -10.46
C THR A 94 2.96 5.88 -9.13
N VAL A 95 2.81 7.23 -9.16
CA VAL A 95 3.15 8.05 -8.01
C VAL A 95 2.11 7.83 -6.91
N GLY A 96 0.83 7.74 -7.30
CA GLY A 96 -0.24 7.45 -6.34
C GLY A 96 -0.08 6.10 -5.62
N GLU A 97 0.35 5.07 -6.35
CA GLU A 97 0.67 3.79 -5.73
C GLU A 97 1.93 3.80 -4.85
N THR A 98 2.99 4.49 -5.26
CA THR A 98 4.14 4.70 -4.38
C THR A 98 3.76 5.37 -3.06
N VAL A 99 2.88 6.38 -3.10
CA VAL A 99 2.48 7.10 -1.90
C VAL A 99 1.59 6.24 -1.01
N ALA A 100 0.61 5.56 -1.59
CA ALA A 100 -0.16 4.56 -0.87
C ALA A 100 0.73 3.50 -0.22
N GLY A 101 1.80 3.10 -0.92
CA GLY A 101 2.76 2.17 -0.35
C GLY A 101 3.56 2.77 0.82
N TYR A 102 3.88 4.07 0.71
CA TYR A 102 4.58 4.70 1.80
C TYR A 102 3.68 4.71 3.03
N MET A 103 2.41 5.10 2.80
CA MET A 103 1.51 5.27 3.92
C MET A 103 1.19 3.91 4.54
N LEU A 104 0.88 2.88 3.74
CA LEU A 104 0.69 1.55 4.28
C LEU A 104 1.94 1.08 4.99
N THR A 105 3.12 1.41 4.46
CA THR A 105 4.35 1.04 5.16
C THR A 105 4.35 1.60 6.59
N PHE A 106 4.03 2.89 6.78
CA PHE A 106 4.14 3.46 8.11
C PHE A 106 3.06 2.85 8.98
N ALA A 107 1.84 2.73 8.46
CA ALA A 107 0.71 2.30 9.30
C ALA A 107 0.85 0.84 9.76
N ARG A 108 1.35 -0.01 8.89
CA ARG A 108 1.45 -1.43 9.22
C ARG A 108 2.86 -1.76 9.69
N ARG A 109 3.79 -0.80 9.66
CA ARG A 109 5.14 -1.05 10.20
C ARG A 109 6.01 -1.97 9.36
N LEU A 110 5.77 -2.10 8.06
CA LEU A 110 6.56 -3.00 7.21
C LEU A 110 8.05 -2.66 7.18
N HIS A 111 8.41 -1.37 7.28
CA HIS A 111 9.81 -0.95 7.23
C HIS A 111 10.58 -1.46 8.46
N ALA A 112 9.99 -1.38 9.64
CA ALA A 112 10.65 -1.94 10.82
C ALA A 112 10.74 -3.47 10.71
N TYR A 113 9.71 -4.15 10.13
CA TYR A 113 9.79 -5.61 9.99
C TYR A 113 10.92 -5.93 9.01
N ARG A 114 11.09 -5.12 7.94
CA ARG A 114 12.15 -5.41 6.99
C ARG A 114 13.52 -5.21 7.66
N ASP A 115 13.67 -4.22 8.54
CA ASP A 115 14.96 -4.09 9.22
C ASP A 115 15.20 -5.33 10.10
N ALA A 116 14.17 -5.83 10.77
CA ALA A 116 14.29 -7.00 11.61
C ALA A 116 14.70 -8.26 10.79
N GLN A 117 14.22 -8.35 9.56
CA GLN A 117 14.51 -9.48 8.67
C GLN A 117 16.00 -9.56 8.37
N HIS A 118 16.68 -8.42 8.23
CA HIS A 118 18.14 -8.41 8.09
C HIS A 118 18.82 -9.19 9.21
N ASP A 119 18.26 -9.10 10.43
CA ASP A 119 18.83 -9.67 11.64
C ASP A 119 18.20 -11.01 12.04
N HIS A 120 17.28 -11.57 11.26
CA HIS A 120 16.64 -12.84 11.60
C HIS A 120 15.94 -12.71 12.96
N ALA A 121 15.32 -11.54 13.18
CA ALA A 121 14.79 -11.22 14.50
C ALA A 121 13.27 -11.10 14.42
N TRP A 122 12.62 -11.78 15.35
CA TRP A 122 11.19 -11.74 15.51
C TRP A 122 10.84 -10.58 16.44
N ASP A 123 10.68 -9.38 15.89
CA ASP A 123 10.54 -8.21 16.73
C ASP A 123 9.12 -7.72 16.54
N LEU A 124 8.23 -8.02 17.50
CA LEU A 124 6.89 -7.47 17.50
C LEU A 124 6.96 -5.95 17.71
N PRO A 125 6.05 -5.14 17.09
CA PRO A 125 6.00 -3.68 17.32
C PRO A 125 5.35 -3.52 18.70
N ARG A 126 5.44 -2.35 19.32
CA ARG A 126 4.73 -2.09 20.57
C ARG A 126 3.24 -2.03 20.23
N TYR A 127 2.39 -2.34 21.22
CA TYR A 127 0.94 -2.27 21.02
C TYR A 127 0.51 -0.97 20.35
N GLU A 128 1.14 0.16 20.67
CA GLU A 128 0.64 1.48 20.28
C GLU A 128 0.95 1.75 18.79
N GLU A 129 1.90 1.02 18.16
CA GLU A 129 2.47 1.45 16.88
C GLU A 129 1.61 1.15 15.67
N PRO A 130 1.01 -0.07 15.47
CA PRO A 130 0.36 -0.38 14.20
C PRO A 130 -1.01 0.29 14.15
N PHE A 131 -1.32 0.89 13.00
CA PHE A 131 -2.59 1.53 12.85
C PHE A 131 -3.09 1.19 11.47
N THR A 132 -4.28 1.70 11.17
CA THR A 132 -4.82 1.58 9.86
C THR A 132 -4.95 2.94 9.20
N LEU A 133 -4.87 2.95 7.86
CA LEU A 133 -5.16 4.15 7.09
C LEU A 133 -6.63 4.50 7.13
N ALA A 134 -7.56 3.51 7.08
CA ALA A 134 -8.98 3.81 7.07
C ALA A 134 -9.31 4.79 8.21
N GLY A 135 -9.98 5.92 7.89
CA GLY A 135 -10.33 6.88 8.93
C GLY A 135 -9.25 7.94 9.25
N GLU A 136 -8.04 7.87 8.72
CA GLU A 136 -7.01 8.85 9.08
C GLU A 136 -6.99 9.91 8.00
N ARG A 137 -6.42 11.07 8.33
CA ARG A 137 -6.45 12.20 7.41
C ARG A 137 -5.15 12.30 6.64
N VAL A 138 -5.27 12.46 5.30
CA VAL A 138 -4.16 12.88 4.50
C VAL A 138 -4.46 14.26 3.89
N CYS A 139 -3.44 15.15 3.87
CA CYS A 139 -3.49 16.42 3.19
C CYS A 139 -2.59 16.38 1.94
N VAL A 140 -3.16 16.54 0.74
CA VAL A 140 -2.38 16.47 -0.48
C VAL A 140 -2.15 17.89 -1.00
N VAL A 141 -0.88 18.33 -1.01
CA VAL A 141 -0.53 19.71 -1.34
C VAL A 141 -0.18 19.74 -2.80
N GLY A 142 -1.09 20.32 -3.63
CA GLY A 142 -0.98 20.23 -5.07
C GLY A 142 -1.93 19.13 -5.60
N LEU A 143 -2.95 19.56 -6.37
CA LEU A 143 -4.08 18.81 -6.84
C LEU A 143 -4.18 18.92 -8.33
N GLY A 144 -3.02 18.93 -8.99
CA GLY A 144 -2.92 18.57 -10.39
C GLY A 144 -2.97 17.04 -10.55
N THR A 145 -2.34 16.59 -11.61
CA THR A 145 -2.42 15.22 -12.05
C THR A 145 -1.75 14.29 -11.02
N LEU A 146 -0.54 14.67 -10.57
CA LEU A 146 0.16 13.91 -9.53
C LEU A 146 -0.70 13.76 -8.27
N GLY A 147 -1.19 14.85 -7.73
CA GLY A 147 -1.89 14.81 -6.48
C GLY A 147 -3.18 13.99 -6.56
N ARG A 148 -3.86 14.10 -7.70
CA ARG A 148 -5.13 13.43 -7.89
C ARG A 148 -4.93 11.91 -7.84
N GLY A 149 -3.79 11.45 -8.34
CA GLY A 149 -3.40 10.05 -8.28
C GLY A 149 -3.22 9.63 -6.82
N VAL A 150 -2.65 10.52 -5.96
CA VAL A 150 -2.56 10.22 -4.54
C VAL A 150 -3.95 10.17 -3.93
N VAL A 151 -4.70 11.21 -4.19
CA VAL A 151 -6.06 11.39 -3.69
C VAL A 151 -6.93 10.15 -3.94
N ASP A 152 -6.96 9.65 -5.18
CA ASP A 152 -7.93 8.62 -5.55
C ASP A 152 -7.63 7.31 -4.78
N ARG A 153 -6.33 6.97 -4.63
CA ARG A 153 -5.98 5.75 -3.91
C ARG A 153 -6.15 5.96 -2.42
N ALA A 154 -5.89 7.16 -1.90
CA ALA A 154 -6.11 7.35 -0.48
C ALA A 154 -7.60 7.29 -0.17
N ALA A 155 -8.45 7.84 -1.06
CA ALA A 155 -9.89 7.80 -0.84
C ALA A 155 -10.41 6.37 -0.98
N ALA A 156 -9.86 5.62 -1.91
CA ALA A 156 -10.31 4.24 -2.12
C ALA A 156 -9.94 3.34 -0.93
N LEU A 157 -8.79 3.60 -0.27
CA LEU A 157 -8.41 2.95 0.98
C LEU A 157 -9.09 3.54 2.20
N GLY A 158 -10.09 4.41 2.02
CA GLY A 158 -10.94 4.82 3.15
C GLY A 158 -10.39 5.98 3.97
N MET A 159 -9.36 6.68 3.48
CA MET A 159 -8.76 7.78 4.23
C MET A 159 -9.69 9.00 4.16
N GLU A 160 -9.58 9.89 5.14
CA GLU A 160 -10.16 11.22 4.98
C GLU A 160 -9.15 12.12 4.24
N VAL A 161 -9.57 12.66 3.09
CA VAL A 161 -8.68 13.35 2.17
C VAL A 161 -9.08 14.83 2.12
N VAL A 162 -8.11 15.71 2.46
CA VAL A 162 -8.13 17.13 2.20
C VAL A 162 -6.93 17.50 1.34
N GLY A 163 -6.84 18.75 0.87
CA GLY A 163 -5.77 19.19 -0.01
C GLY A 163 -5.73 20.70 -0.20
N VAL A 164 -4.69 21.12 -0.93
CA VAL A 164 -4.31 22.49 -1.11
C VAL A 164 -4.14 22.71 -2.61
N ARG A 165 -4.87 23.69 -3.18
CA ARG A 165 -4.47 24.21 -4.48
C ARG A 165 -4.90 25.66 -4.65
N ARG A 166 -4.37 26.31 -5.69
CA ARG A 166 -4.41 27.77 -5.85
C ARG A 166 -5.86 28.27 -5.93
N SER A 167 -6.65 27.69 -6.85
CA SER A 167 -8.04 28.08 -7.00
C SER A 167 -8.91 27.85 -5.75
N GLY A 168 -8.60 26.84 -4.90
CA GLY A 168 -9.48 26.48 -3.79
C GLY A 168 -10.82 25.82 -4.18
N ASP A 169 -11.02 25.52 -5.48
CA ASP A 169 -12.28 24.95 -6.01
C ASP A 169 -12.43 23.46 -5.64
N PRO A 170 -13.62 22.82 -5.73
CA PRO A 170 -13.75 21.38 -5.47
C PRO A 170 -12.83 20.50 -6.33
N VAL A 171 -12.37 19.36 -5.78
CA VAL A 171 -11.66 18.33 -6.54
C VAL A 171 -12.24 17.00 -6.13
N ASP A 172 -12.47 16.16 -7.13
CA ASP A 172 -13.00 14.83 -6.91
C ASP A 172 -12.19 14.09 -5.81
N ASN A 173 -12.92 13.53 -4.83
CA ASN A 173 -12.42 12.70 -3.74
C ASN A 173 -11.73 13.51 -2.64
N VAL A 174 -11.83 14.83 -2.69
CA VAL A 174 -11.27 15.66 -1.65
C VAL A 174 -12.42 16.29 -0.87
N SER A 175 -12.48 16.03 0.44
CA SER A 175 -13.50 16.53 1.34
C SER A 175 -13.39 18.06 1.46
N THR A 176 -12.20 18.60 1.76
CA THR A 176 -11.96 20.03 1.88
C THR A 176 -10.74 20.44 1.06
N VAL A 177 -10.94 21.44 0.16
CA VAL A 177 -9.86 22.08 -0.56
C VAL A 177 -9.50 23.42 0.11
N TYR A 178 -8.24 23.62 0.48
CA TYR A 178 -7.74 24.86 1.04
C TYR A 178 -6.89 25.58 -0.02
N THR A 179 -6.94 26.92 0.07
CA THR A 179 -6.08 27.84 -0.67
C THR A 179 -4.68 27.79 -0.04
N PRO A 180 -3.59 28.13 -0.76
CA PRO A 180 -2.24 28.05 -0.23
C PRO A 180 -1.89 28.87 0.99
N ASP A 181 -2.70 29.90 1.22
CA ASP A 181 -2.52 30.74 2.37
C ASP A 181 -3.20 30.12 3.60
N ARG A 182 -3.92 28.98 3.45
CA ARG A 182 -4.35 28.23 4.63
C ARG A 182 -3.61 26.91 4.80
N LEU A 183 -2.38 26.82 4.25
CA LEU A 183 -1.56 25.64 4.36
C LEU A 183 -1.51 25.12 5.80
N HIS A 184 -1.31 26.02 6.79
CA HIS A 184 -1.16 25.59 8.17
C HIS A 184 -2.43 24.90 8.66
N GLU A 185 -3.57 25.47 8.27
CA GLU A 185 -4.87 24.89 8.62
C GLU A 185 -5.03 23.50 8.01
N ALA A 186 -4.60 23.34 6.76
CA ALA A 186 -4.73 22.11 5.98
C ALA A 186 -3.94 20.93 6.55
N ILE A 187 -2.78 21.18 7.18
CA ILE A 187 -1.83 20.20 7.60
C ILE A 187 -1.88 19.95 9.09
N ALA A 188 -2.57 20.82 9.83
CA ALA A 188 -2.57 20.72 11.27
C ALA A 188 -3.15 19.35 11.73
N ASP A 189 -4.21 18.81 11.10
CA ASP A 189 -4.87 17.57 11.57
C ASP A 189 -4.57 16.36 10.69
N ALA A 190 -3.51 16.44 9.85
CA ALA A 190 -3.26 15.39 8.88
C ALA A 190 -2.29 14.39 9.50
N ARG A 191 -2.55 13.07 9.30
CA ARG A 191 -1.57 12.05 9.71
C ARG A 191 -0.42 12.02 8.71
N PHE A 192 -0.74 12.29 7.44
CA PHE A 192 0.25 12.43 6.39
C PHE A 192 0.00 13.75 5.66
N VAL A 193 1.12 14.47 5.39
CA VAL A 193 1.14 15.59 4.49
C VAL A 193 1.92 15.17 3.27
N VAL A 194 1.31 15.34 2.11
CA VAL A 194 1.91 14.83 0.90
C VAL A 194 2.14 16.02 -0.06
N LEU A 195 3.36 16.16 -0.56
CA LEU A 195 3.77 17.25 -1.42
C LEU A 195 3.77 16.73 -2.87
N ALA A 196 2.89 17.27 -3.72
CA ALA A 196 2.76 16.92 -5.13
C ALA A 196 2.57 18.13 -6.05
N THR A 197 3.31 19.22 -5.79
CA THR A 197 3.21 20.47 -6.53
C THR A 197 4.47 20.62 -7.35
N PRO A 198 4.40 21.31 -8.51
CA PRO A 198 5.60 21.77 -9.20
C PRO A 198 6.44 22.68 -8.30
N LEU A 199 7.78 22.60 -8.47
CA LEU A 199 8.72 23.56 -7.95
C LEU A 199 8.59 24.86 -8.73
N THR A 200 8.10 25.93 -8.10
CA THR A 200 8.10 27.31 -8.61
C THR A 200 8.71 28.26 -7.56
N ASP A 201 8.86 29.52 -7.95
CA ASP A 201 9.15 30.66 -7.09
C ASP A 201 8.33 30.57 -5.79
N GLU A 202 7.00 30.41 -5.95
CA GLU A 202 5.99 30.45 -4.91
C GLU A 202 6.16 29.22 -4.02
N THR A 203 6.55 28.02 -4.55
CA THR A 203 6.57 26.78 -3.79
C THR A 203 7.96 26.48 -3.23
N GLU A 204 9.01 27.12 -3.72
CA GLU A 204 10.32 26.76 -3.20
C GLU A 204 10.36 27.07 -1.71
N GLY A 205 10.73 26.06 -0.91
CA GLY A 205 10.90 26.21 0.50
C GLY A 205 9.59 26.39 1.25
N MET A 206 8.41 26.09 0.66
CA MET A 206 7.18 26.30 1.38
C MET A 206 7.05 25.42 2.64
N VAL A 207 7.80 24.32 2.79
CA VAL A 207 7.71 23.46 3.96
C VAL A 207 9.03 23.55 4.71
N ALA A 208 8.97 24.10 5.93
CA ALA A 208 10.17 24.44 6.69
C ALA A 208 9.79 24.35 8.17
N ALA A 209 10.68 24.79 9.06
CA ALA A 209 10.50 24.65 10.49
C ALA A 209 9.12 25.08 10.99
N PRO A 210 8.50 26.19 10.52
CA PRO A 210 7.17 26.56 11.02
C PRO A 210 6.07 25.54 10.66
N GLU A 211 6.15 24.97 9.46
CA GLU A 211 5.17 23.96 9.03
C GLU A 211 5.34 22.65 9.84
N PHE A 212 6.59 22.27 10.13
CA PHE A 212 6.89 21.10 10.95
C PHE A 212 6.45 21.32 12.38
N GLU A 213 6.42 22.59 12.81
CA GLU A 213 5.90 22.90 14.15
C GLU A 213 4.39 22.69 14.08
N THR A 214 3.71 23.27 13.10
CA THR A 214 2.26 23.14 13.05
C THR A 214 1.82 21.67 12.91
N MET A 215 2.61 20.84 12.23
CA MET A 215 2.17 19.46 11.92
C MET A 215 2.03 18.64 13.21
N ARG A 216 1.16 17.65 13.26
CA ARG A 216 1.10 16.73 14.41
C ARG A 216 2.39 15.96 14.59
N GLU A 217 2.80 15.75 15.83
CA GLU A 217 4.04 15.02 16.12
C GLU A 217 3.99 13.54 15.76
N ASP A 218 2.78 12.96 15.54
CA ASP A 218 2.72 11.60 15.03
C ASP A 218 2.58 11.58 13.52
N ALA A 219 2.74 12.75 12.82
CA ALA A 219 2.46 12.83 11.39
C ALA A 219 3.75 12.61 10.64
N SER A 220 3.59 12.28 9.37
CA SER A 220 4.69 12.04 8.46
C SER A 220 4.53 12.90 7.22
N LEU A 221 5.67 13.36 6.68
CA LEU A 221 5.74 14.13 5.47
C LEU A 221 6.02 13.16 4.35
N VAL A 222 5.36 13.35 3.18
CA VAL A 222 5.76 12.61 1.98
C VAL A 222 6.18 13.64 0.96
N ASN A 223 7.31 13.43 0.31
CA ASN A 223 7.75 14.32 -0.73
C ASN A 223 7.96 13.56 -2.02
N VAL A 224 7.03 13.77 -2.98
CA VAL A 224 7.13 13.32 -4.34
C VAL A 224 6.97 14.52 -5.27
N ALA A 225 7.42 15.71 -4.82
CA ALA A 225 7.35 16.91 -5.66
C ALA A 225 8.79 17.15 -6.11
N ARG A 226 9.50 18.06 -5.44
CA ARG A 226 10.93 18.21 -5.61
C ARG A 226 11.52 18.55 -4.25
N GLY A 227 12.77 18.18 -4.12
CA GLY A 227 13.49 18.35 -2.90
C GLY A 227 13.29 19.77 -2.39
N PRO A 228 13.66 20.84 -3.15
CA PRO A 228 13.62 22.23 -2.63
C PRO A 228 12.25 22.86 -2.30
N VAL A 229 11.13 22.13 -2.51
CA VAL A 229 9.85 22.49 -1.89
C VAL A 229 9.94 22.45 -0.36
N VAL A 230 10.88 21.64 0.17
CA VAL A 230 11.19 21.47 1.56
C VAL A 230 12.56 22.11 1.84
N VAL A 231 12.69 22.75 3.01
CA VAL A 231 13.98 23.20 3.51
C VAL A 231 14.57 22.01 4.27
N GLU A 232 15.57 21.35 3.67
CA GLU A 232 15.98 20.02 4.05
C GLU A 232 16.56 19.99 5.44
N SER A 233 17.37 21.00 5.80
CA SER A 233 17.98 21.06 7.13
C SER A 233 16.92 21.23 8.23
N ASP A 234 15.82 21.96 7.96
CA ASP A 234 14.71 22.06 8.91
C ASP A 234 13.95 20.74 9.06
N LEU A 235 13.85 19.95 7.97
CA LEU A 235 13.28 18.61 8.08
C LEU A 235 14.15 17.75 9.01
N VAL A 236 15.48 17.74 8.80
CA VAL A 236 16.37 17.01 9.69
C VAL A 236 16.13 17.44 11.13
N ALA A 237 16.04 18.74 11.38
CA ALA A 237 15.88 19.19 12.76
C ALA A 237 14.51 18.76 13.30
N ALA A 238 13.49 18.89 12.47
CA ALA A 238 12.16 18.49 12.90
C ALA A 238 12.14 16.98 13.26
N LEU A 239 12.89 16.14 12.51
CA LEU A 239 12.94 14.70 12.76
C LEU A 239 13.71 14.45 14.08
N ASP A 240 14.91 15.06 14.23
CA ASP A 240 15.71 14.92 15.46
C ASP A 240 14.94 15.33 16.72
N SER A 241 14.14 16.40 16.63
CA SER A 241 13.35 16.96 17.72
C SER A 241 12.06 16.19 18.03
N GLY A 242 11.54 15.43 17.07
CA GLY A 242 10.16 14.91 17.20
C GLY A 242 9.06 15.93 16.93
N ASP A 243 9.36 16.95 16.14
CA ASP A 243 8.30 17.85 15.68
C ASP A 243 7.30 17.08 14.79
N ILE A 244 7.80 16.16 13.94
CA ILE A 244 7.00 15.18 13.23
C ILE A 244 7.63 13.81 13.52
N ALA A 245 6.93 12.73 13.15
CA ALA A 245 7.39 11.38 13.48
C ALA A 245 8.32 10.88 12.38
N GLY A 246 7.96 11.10 11.12
CA GLY A 246 8.77 10.56 10.04
C GLY A 246 8.49 11.17 8.69
N ALA A 247 9.06 10.57 7.67
CA ALA A 247 8.89 11.09 6.33
C ALA A 247 9.13 9.94 5.33
N ALA A 248 8.56 10.08 4.13
CA ALA A 248 8.93 9.28 3.01
C ALA A 248 9.37 10.26 1.93
N LEU A 249 10.63 10.10 1.50
CA LEU A 249 11.24 11.08 0.60
C LEU A 249 11.77 10.36 -0.64
N ASP A 250 11.26 10.81 -1.77
CA ASP A 250 11.68 10.34 -3.08
C ASP A 250 12.61 11.37 -3.75
N VAL A 251 12.58 12.61 -3.28
CA VAL A 251 13.28 13.72 -3.93
C VAL A 251 14.03 14.53 -2.89
N PHE A 252 15.18 15.04 -3.33
CA PHE A 252 16.11 15.70 -2.39
C PHE A 252 16.73 16.97 -2.98
N SER A 253 17.29 17.77 -2.08
CA SER A 253 17.91 19.01 -2.53
C SER A 253 19.12 18.73 -3.42
N GLU A 254 19.94 17.75 -3.06
CA GLU A 254 20.96 17.22 -3.95
C GLU A 254 20.70 15.73 -4.25
N GLU A 255 20.72 15.37 -5.54
CA GLU A 255 20.50 14.02 -5.97
C GLU A 255 21.69 13.60 -6.82
N PRO A 256 22.29 12.39 -6.66
CA PRO A 256 22.02 11.47 -5.54
C PRO A 256 22.20 12.00 -4.13
N LEU A 257 21.40 11.51 -3.19
CA LEU A 257 21.44 12.00 -1.82
C LEU A 257 22.80 11.65 -1.27
N PRO A 258 23.72 12.61 -0.98
CA PRO A 258 25.03 12.25 -0.44
C PRO A 258 24.95 11.31 0.76
N GLU A 259 25.90 10.36 0.76
CA GLU A 259 26.14 9.34 1.77
C GLU A 259 26.11 9.85 3.21
N ASP A 260 26.52 11.10 3.47
CA ASP A 260 26.67 11.62 4.83
C ASP A 260 25.39 12.30 5.32
N SER A 261 24.33 12.40 4.48
CA SER A 261 23.07 13.01 4.88
C SER A 261 22.52 12.28 6.09
N PRO A 262 22.07 12.93 7.16
CA PRO A 262 21.45 12.20 8.26
C PRO A 262 20.09 11.61 7.89
N LEU A 263 19.45 12.01 6.76
CA LEU A 263 18.15 11.45 6.40
C LEU A 263 18.20 9.91 6.23
N TRP A 264 19.29 9.34 5.71
CA TRP A 264 19.46 7.89 5.65
C TRP A 264 19.23 7.16 6.98
N ASP A 265 19.54 7.78 8.12
CA ASP A 265 19.67 7.03 9.35
C ASP A 265 18.46 7.15 10.28
N PHE A 266 17.41 7.90 9.92
CA PHE A 266 16.18 7.83 10.70
C PHE A 266 15.42 6.53 10.37
N GLU A 267 15.03 5.77 11.41
CA GLU A 267 14.19 4.59 11.27
C GLU A 267 12.89 4.90 10.52
N ASP A 268 12.20 5.97 10.94
CA ASP A 268 10.95 6.33 10.33
C ASP A 268 11.10 7.33 9.19
N VAL A 269 12.21 7.27 8.42
CA VAL A 269 12.31 7.87 7.09
C VAL A 269 12.46 6.72 6.14
N LEU A 270 11.77 6.84 5.01
CA LEU A 270 12.01 6.01 3.86
C LEU A 270 12.63 6.93 2.82
N ILE A 271 13.87 6.61 2.45
CA ILE A 271 14.52 7.11 1.26
C ILE A 271 14.18 6.23 0.06
N THR A 272 13.74 6.83 -1.04
CA THR A 272 13.74 6.17 -2.31
C THR A 272 14.40 7.05 -3.37
N PRO A 273 15.10 6.45 -4.38
CA PRO A 273 15.89 7.23 -5.35
C PRO A 273 15.19 7.84 -6.57
N HIS A 274 14.27 8.76 -6.34
CA HIS A 274 13.61 9.45 -7.42
C HIS A 274 13.00 8.43 -8.38
N VAL A 275 12.19 7.54 -7.79
CA VAL A 275 11.61 6.36 -8.45
C VAL A 275 10.12 6.24 -8.22
N SER A 276 9.46 7.26 -7.67
CA SER A 276 8.06 7.12 -7.33
C SER A 276 7.24 7.00 -8.60
N ALA A 277 7.82 7.42 -9.75
CA ALA A 277 7.20 7.27 -11.07
C ALA A 277 7.82 6.21 -11.98
N ALA A 278 8.85 5.47 -11.54
CA ALA A 278 9.36 4.32 -12.28
C ALA A 278 8.24 3.34 -12.64
N THR A 279 8.20 2.95 -13.92
CA THR A 279 7.38 1.85 -14.37
C THR A 279 8.05 1.18 -15.57
N SER A 280 7.97 -0.15 -15.54
CA SER A 280 8.48 -1.02 -16.59
C SER A 280 7.67 -0.88 -17.90
N LYS A 281 6.52 -0.17 -17.88
CA LYS A 281 5.78 0.14 -19.10
C LYS A 281 5.82 1.65 -19.43
N TYR A 282 6.88 2.38 -19.03
CA TYR A 282 6.94 3.82 -19.31
C TYR A 282 6.82 4.09 -20.82
N HIS A 283 7.49 3.23 -21.61
CA HIS A 283 7.46 3.22 -23.07
C HIS A 283 6.04 3.17 -23.64
N GLU A 284 5.17 2.29 -23.12
CA GLU A 284 3.79 2.19 -23.56
C GLU A 284 3.00 3.47 -23.21
N ASP A 285 3.33 4.10 -22.07
CA ASP A 285 2.61 5.27 -21.60
C ASP A 285 2.94 6.46 -22.49
N VAL A 286 4.23 6.66 -22.78
CA VAL A 286 4.65 7.72 -23.68
C VAL A 286 4.17 7.41 -25.10
N ALA A 287 4.28 6.15 -25.57
CA ALA A 287 3.76 5.73 -26.87
C ALA A 287 2.30 6.15 -27.10
N ALA A 288 1.46 5.95 -26.07
CA ALA A 288 0.05 6.32 -26.08
C ALA A 288 -0.18 7.78 -26.47
N LEU A 289 0.64 8.66 -25.86
CA LEU A 289 0.61 10.11 -26.06
C LEU A 289 0.99 10.46 -27.49
N ILE A 290 2.10 9.89 -27.98
CA ILE A 290 2.59 10.13 -29.34
C ILE A 290 1.43 9.88 -30.31
N ARG A 291 0.79 8.70 -30.19
CA ARG A 291 -0.33 8.30 -31.03
C ARG A 291 -1.53 9.26 -30.94
N GLU A 292 -1.92 9.68 -29.73
CA GLU A 292 -2.91 10.73 -29.58
C GLU A 292 -2.57 11.99 -30.40
N ASN A 293 -1.30 12.43 -30.43
CA ASN A 293 -0.93 13.73 -31.00
C ASN A 293 -0.72 13.71 -32.52
N ILE A 294 -0.28 12.58 -33.11
CA ILE A 294 -0.21 12.51 -34.58
C ILE A 294 -1.61 12.44 -35.16
N GLU A 295 -2.53 11.69 -34.53
CA GLU A 295 -3.95 11.70 -34.91
C GLU A 295 -4.59 13.08 -34.70
N LYS A 296 -4.08 13.89 -33.77
CA LYS A 296 -4.54 15.27 -33.61
C LYS A 296 -3.92 16.23 -34.63
N ILE A 297 -2.68 15.98 -35.10
CA ILE A 297 -2.09 16.78 -36.18
C ILE A 297 -2.86 16.59 -37.50
N ALA A 298 -3.35 15.37 -37.77
CA ALA A 298 -3.95 15.01 -39.06
C ALA A 298 -5.41 15.48 -39.20
N THR A 299 -6.12 15.76 -38.09
CA THR A 299 -7.48 16.34 -38.11
C THR A 299 -7.48 17.76 -37.54
N GLY A 300 -6.30 18.41 -37.45
CA GLY A 300 -6.19 19.84 -37.20
C GLY A 300 -6.57 20.28 -35.77
N ASP A 301 -6.78 19.30 -34.85
CA ASP A 301 -7.12 19.57 -33.46
C ASP A 301 -5.85 20.08 -32.75
N GLU A 302 -6.03 20.71 -31.57
CA GLU A 302 -4.95 21.25 -30.76
C GLU A 302 -4.20 20.10 -30.07
N LEU A 303 -2.90 20.30 -29.81
CA LEU A 303 -2.03 19.23 -29.31
C LEU A 303 -2.16 19.09 -27.79
N THR A 304 -2.20 17.83 -27.31
CA THR A 304 -2.14 17.54 -25.88
C THR A 304 -0.75 17.88 -25.36
N ASN A 305 -0.67 18.54 -24.20
CA ASN A 305 0.56 18.86 -23.49
C ASN A 305 1.49 19.76 -24.31
N ARG A 306 0.90 20.72 -25.06
CA ARG A 306 1.66 21.59 -25.93
C ARG A 306 2.17 22.79 -25.12
N VAL A 307 3.48 23.06 -25.16
CA VAL A 307 4.02 24.31 -24.65
C VAL A 307 4.19 25.31 -25.80
N VAL A 308 4.84 24.89 -26.90
CA VAL A 308 5.27 25.75 -27.99
C VAL A 308 4.73 25.18 -29.33
N MET B 1 -31.91 -13.38 30.29
CA MET B 1 -30.54 -13.14 30.84
C MET B 1 -30.35 -11.64 31.08
N HIS B 2 -29.92 -11.27 32.29
CA HIS B 2 -29.75 -9.89 32.72
C HIS B 2 -28.32 -9.79 33.26
N ILE B 3 -27.50 -8.91 32.66
CA ILE B 3 -26.07 -8.85 32.91
C ILE B 3 -25.80 -7.80 33.99
N GLU B 4 -25.26 -8.25 35.14
CA GLU B 4 -24.95 -7.41 36.30
C GLU B 4 -23.55 -6.82 36.23
N ARG B 5 -22.57 -7.56 35.67
CA ARG B 5 -21.15 -7.26 35.81
C ARG B 5 -20.39 -7.71 34.54
N LEU B 6 -19.30 -7.01 34.15
CA LEU B 6 -18.40 -7.52 33.11
C LEU B 6 -16.99 -7.71 33.67
N ALA B 7 -16.52 -8.95 33.54
CA ALA B 7 -15.21 -9.37 34.04
C ALA B 7 -14.25 -9.45 32.86
N VAL B 8 -13.14 -8.71 32.97
CA VAL B 8 -12.03 -8.75 32.03
C VAL B 8 -10.96 -9.71 32.57
N ASP B 9 -10.93 -10.92 32.03
CA ASP B 9 -9.95 -11.94 32.42
C ASP B 9 -8.54 -11.39 32.17
N GLU B 10 -7.57 -11.77 33.00
CA GLU B 10 -6.20 -11.31 32.83
C GLU B 10 -5.63 -11.80 31.47
N SER B 11 -6.11 -12.94 30.94
CA SER B 11 -5.68 -13.49 29.66
C SER B 11 -5.77 -12.56 28.44
N VAL B 12 -6.55 -11.46 28.52
CA VAL B 12 -6.65 -10.46 27.46
C VAL B 12 -5.34 -9.72 27.28
N GLY B 13 -4.51 -9.61 28.34
CA GLY B 13 -3.15 -9.09 28.28
C GLY B 13 -2.30 -9.69 27.16
N ARG B 14 -2.60 -10.94 26.73
CA ARG B 14 -1.87 -11.54 25.64
C ARG B 14 -2.12 -10.85 24.29
N ALA B 15 -3.18 -10.03 24.17
CA ALA B 15 -3.48 -9.26 22.95
C ALA B 15 -3.58 -7.75 23.15
N MET B 16 -3.80 -7.24 24.38
CA MET B 16 -3.95 -5.80 24.56
C MET B 16 -3.70 -5.42 26.01
N PRO B 17 -3.35 -4.13 26.29
CA PRO B 17 -3.42 -3.54 27.63
C PRO B 17 -4.80 -3.71 28.29
N PRO B 18 -4.87 -4.54 29.36
CA PRO B 18 -6.16 -4.79 30.04
C PRO B 18 -6.80 -3.52 30.57
N GLN B 19 -5.93 -2.59 30.99
CA GLN B 19 -6.31 -1.31 31.54
C GLN B 19 -7.00 -0.47 30.48
N ARG B 20 -6.40 -0.39 29.28
CA ARG B 20 -6.96 0.31 28.13
C ARG B 20 -8.30 -0.32 27.69
N PHE B 21 -8.42 -1.66 27.75
CA PHE B 21 -9.65 -2.38 27.44
C PHE B 21 -10.76 -2.10 28.49
N ILE B 22 -10.43 -2.04 29.79
CA ILE B 22 -11.41 -1.61 30.79
C ILE B 22 -11.93 -0.20 30.48
N GLU B 23 -11.03 0.76 30.16
CA GLU B 23 -11.42 2.12 29.77
C GLU B 23 -12.44 2.10 28.64
N ALA B 24 -12.24 1.23 27.63
CA ALA B 24 -13.09 1.16 26.44
C ALA B 24 -14.44 0.49 26.73
N LEU B 25 -14.53 -0.27 27.83
CA LEU B 25 -15.75 -0.90 28.31
C LEU B 25 -16.39 -0.07 29.45
N SER B 26 -15.83 1.08 29.85
CA SER B 26 -16.38 1.90 30.94
C SER B 26 -17.71 2.59 30.62
N ASP B 27 -18.20 2.56 29.36
CA ASP B 27 -19.46 3.20 28.99
C ASP B 27 -20.46 2.13 28.56
N LEU B 28 -20.60 1.09 29.39
CA LEU B 28 -21.36 -0.09 29.04
C LEU B 28 -22.72 -0.15 29.75
N GLY B 29 -22.84 0.43 30.96
CA GLY B 29 -24.03 0.33 31.80
C GLY B 29 -23.77 -0.48 33.07
N VAL B 30 -22.68 -1.25 33.08
CA VAL B 30 -22.45 -2.33 34.03
C VAL B 30 -21.04 -2.19 34.60
N PRO B 31 -20.81 -2.48 35.91
CA PRO B 31 -19.45 -2.59 36.44
C PRO B 31 -18.55 -3.53 35.61
N VAL B 32 -17.39 -2.98 35.23
CA VAL B 32 -16.32 -3.76 34.61
C VAL B 32 -15.20 -3.84 35.63
N GLU B 33 -14.65 -5.03 35.83
CA GLU B 33 -13.52 -5.15 36.75
C GLU B 33 -12.59 -6.27 36.26
N PHE B 34 -11.28 -6.02 36.48
CA PHE B 34 -10.21 -6.96 36.20
C PHE B 34 -10.37 -8.20 37.07
N ALA B 35 -10.48 -9.37 36.42
CA ALA B 35 -10.67 -10.64 37.10
C ALA B 35 -9.31 -11.28 37.36
N GLY B 36 -9.10 -11.80 38.59
CA GLY B 36 -7.97 -12.66 38.92
C GLY B 36 -8.13 -14.05 38.31
N GLU B 37 -7.18 -14.95 38.61
CA GLU B 37 -7.25 -16.35 38.19
C GLU B 37 -8.01 -17.21 39.21
N ASP B 38 -8.49 -16.60 40.32
CA ASP B 38 -9.09 -17.33 41.44
C ASP B 38 -10.60 -17.06 41.57
N GLU B 39 -11.25 -16.56 40.49
CA GLU B 39 -12.60 -16.02 40.53
C GLU B 39 -13.67 -17.09 40.28
N GLN B 40 -14.69 -17.12 41.15
CA GLN B 40 -15.97 -17.78 40.86
C GLN B 40 -16.80 -16.80 40.04
N PHE B 41 -17.81 -17.34 39.35
CA PHE B 41 -18.73 -16.52 38.57
C PHE B 41 -20.18 -16.91 38.88
N GLY B 42 -20.99 -15.95 39.33
CA GLY B 42 -22.42 -16.17 39.54
C GLY B 42 -23.20 -15.97 38.26
N PRO B 43 -24.54 -16.17 38.24
CA PRO B 43 -25.41 -15.53 37.26
C PRO B 43 -25.34 -13.99 37.28
N GLY B 44 -25.67 -13.37 36.15
CA GLY B 44 -25.41 -11.96 35.87
C GLY B 44 -24.00 -11.64 35.36
N ASP B 45 -23.11 -12.64 35.30
CA ASP B 45 -21.71 -12.41 34.95
C ASP B 45 -21.45 -12.65 33.47
N ALA B 46 -20.84 -11.64 32.84
CA ALA B 46 -20.20 -11.74 31.55
C ALA B 46 -18.68 -11.66 31.77
N VAL B 47 -17.99 -12.62 31.15
CA VAL B 47 -16.54 -12.65 31.13
C VAL B 47 -16.09 -12.25 29.72
N ALA B 48 -15.06 -11.40 29.63
CA ALA B 48 -14.29 -11.25 28.38
C ALA B 48 -12.89 -11.80 28.60
N SER B 49 -12.50 -12.79 27.78
CA SER B 49 -11.24 -13.50 27.96
C SER B 49 -10.58 -13.83 26.62
N PHE B 50 -9.25 -13.96 26.65
CA PHE B 50 -8.48 -14.53 25.55
C PHE B 50 -8.78 -16.03 25.46
N GLY B 51 -8.35 -16.79 26.48
CA GLY B 51 -8.42 -18.25 26.50
C GLY B 51 -9.48 -18.80 27.47
N HIS B 52 -9.52 -20.14 27.59
CA HIS B 52 -10.58 -20.82 28.33
C HIS B 52 -10.19 -20.97 29.80
N ARG B 53 -11.19 -20.95 30.68
CA ARG B 53 -11.13 -21.47 32.04
C ARG B 53 -12.45 -22.16 32.37
N ASP B 54 -12.44 -23.18 33.26
CA ASP B 54 -13.64 -23.94 33.60
C ASP B 54 -14.58 -23.13 34.51
N ALA B 55 -14.01 -22.34 35.45
CA ALA B 55 -14.72 -21.35 36.26
C ALA B 55 -15.74 -20.50 35.47
N PHE B 56 -15.49 -20.25 34.17
CA PHE B 56 -16.38 -19.47 33.30
C PHE B 56 -17.78 -20.06 33.09
N LEU B 57 -17.96 -21.39 33.28
CA LEU B 57 -19.23 -22.04 33.00
C LEU B 57 -20.30 -21.67 34.03
N ASP B 58 -19.92 -21.14 35.22
CA ASP B 58 -20.89 -20.60 36.19
C ASP B 58 -21.31 -19.17 35.83
N ALA B 59 -20.76 -18.59 34.76
CA ALA B 59 -21.19 -17.29 34.26
C ALA B 59 -22.26 -17.45 33.18
N ASP B 60 -23.02 -16.35 32.94
CA ASP B 60 -24.09 -16.28 31.95
C ASP B 60 -23.59 -16.25 30.49
N TRP B 61 -22.40 -15.65 30.27
CA TRP B 61 -21.91 -15.26 28.95
C TRP B 61 -20.37 -15.13 28.98
N VAL B 62 -19.71 -15.83 28.05
CA VAL B 62 -18.30 -15.57 27.76
C VAL B 62 -18.17 -15.04 26.34
N HIS B 63 -17.40 -13.95 26.16
CA HIS B 63 -16.96 -13.45 24.85
C HIS B 63 -15.45 -13.67 24.72
N CYS B 64 -15.08 -14.53 23.77
CA CYS B 64 -13.71 -14.69 23.35
C CYS B 64 -13.26 -13.44 22.58
N ILE B 65 -12.11 -12.85 22.98
CA ILE B 65 -11.56 -11.67 22.33
C ILE B 65 -10.79 -12.00 21.05
N ARG B 66 -10.67 -13.32 20.71
CA ARG B 66 -10.09 -13.78 19.45
C ARG B 66 -11.20 -14.12 18.44
N ALA B 67 -10.78 -14.29 17.17
CA ALA B 67 -11.62 -14.91 16.15
C ALA B 67 -11.73 -16.42 16.41
N GLY B 68 -10.67 -17.02 16.97
CA GLY B 68 -10.51 -18.46 17.15
C GLY B 68 -10.63 -18.99 18.59
N TYR B 69 -11.57 -19.93 18.76
CA TYR B 69 -11.99 -20.50 20.03
C TYR B 69 -11.70 -22.00 20.01
N ASP B 70 -10.69 -22.43 19.24
CA ASP B 70 -10.22 -23.81 19.30
C ASP B 70 -9.68 -24.15 20.71
N GLU B 71 -9.44 -23.13 21.56
CA GLU B 71 -9.22 -23.25 23.00
C GLU B 71 -10.48 -23.65 23.79
N PHE B 72 -11.70 -23.53 23.23
CA PHE B 72 -12.93 -23.47 24.02
C PHE B 72 -13.83 -24.69 23.77
N PRO B 73 -14.14 -25.50 24.82
CA PRO B 73 -14.96 -26.71 24.66
C PRO B 73 -16.45 -26.43 24.45
N VAL B 74 -16.86 -26.42 23.16
CA VAL B 74 -18.15 -25.90 22.67
C VAL B 74 -19.32 -26.72 23.26
N GLY B 75 -19.18 -28.07 23.30
CA GLY B 75 -20.15 -28.98 23.90
C GLY B 75 -20.49 -28.65 25.36
N VAL B 76 -19.45 -28.54 26.22
CA VAL B 76 -19.53 -28.19 27.65
C VAL B 76 -20.20 -26.82 27.88
N TYR B 77 -19.95 -25.85 26.98
CA TYR B 77 -20.63 -24.55 26.93
C TYR B 77 -22.15 -24.76 26.74
N GLU B 78 -22.53 -25.62 25.76
CA GLU B 78 -23.92 -25.91 25.48
C GLU B 78 -24.62 -26.52 26.69
N GLU B 79 -23.90 -27.48 27.34
CA GLU B 79 -24.30 -28.21 28.55
C GLU B 79 -24.70 -27.28 29.68
N ALA B 80 -23.85 -26.26 29.95
CA ALA B 80 -24.03 -25.36 31.08
C ALA B 80 -25.12 -24.29 30.83
N GLY B 81 -25.59 -24.10 29.57
CA GLY B 81 -26.42 -22.94 29.22
C GLY B 81 -25.65 -21.60 29.28
N THR B 82 -24.33 -21.69 29.06
CA THR B 82 -23.38 -20.57 29.03
C THR B 82 -23.23 -20.15 27.57
N TYR B 83 -23.61 -18.90 27.27
CA TYR B 83 -23.46 -18.33 25.93
C TYR B 83 -21.97 -18.13 25.64
N LEU B 84 -21.54 -18.50 24.40
CA LEU B 84 -20.19 -18.24 23.89
C LEU B 84 -20.25 -17.41 22.60
N THR B 85 -19.52 -16.26 22.61
CA THR B 85 -19.29 -15.43 21.44
C THR B 85 -17.79 -15.25 21.20
N ASN B 86 -17.44 -14.81 19.98
CA ASN B 86 -16.05 -14.64 19.57
C ASN B 86 -15.90 -13.30 18.85
N SER B 87 -14.67 -13.01 18.40
CA SER B 87 -14.37 -11.73 17.78
C SER B 87 -14.01 -11.91 16.31
N THR B 88 -14.81 -12.72 15.63
CA THR B 88 -14.61 -13.06 14.24
C THR B 88 -15.15 -11.87 13.49
N GLY B 89 -14.53 -11.51 12.37
CA GLY B 89 -15.10 -10.50 11.51
C GLY B 89 -14.58 -9.08 11.79
N ILE B 90 -13.60 -8.84 12.67
CA ILE B 90 -13.10 -7.47 12.92
C ILE B 90 -11.67 -7.25 12.40
N HIS B 91 -11.14 -8.15 11.54
CA HIS B 91 -9.74 -8.22 11.15
C HIS B 91 -9.55 -7.91 9.66
N GLY B 92 -10.61 -7.52 8.97
CA GLY B 92 -10.59 -7.38 7.53
C GLY B 92 -9.84 -6.13 7.13
N THR B 93 -9.90 -5.11 8.00
CA THR B 93 -9.28 -3.86 7.68
C THR B 93 -7.79 -3.98 7.92
N THR B 94 -7.35 -4.35 9.12
CA THR B 94 -5.92 -4.47 9.35
C THR B 94 -5.22 -5.41 8.35
N VAL B 95 -5.83 -6.59 8.12
CA VAL B 95 -5.20 -7.62 7.31
C VAL B 95 -5.21 -7.19 5.84
N GLY B 96 -6.28 -6.58 5.40
CA GLY B 96 -6.39 -6.17 4.00
C GLY B 96 -5.49 -5.00 3.67
N GLU B 97 -5.23 -4.13 4.65
CA GLU B 97 -4.21 -3.09 4.49
C GLU B 97 -2.78 -3.63 4.51
N THR B 98 -2.48 -4.58 5.41
CA THR B 98 -1.21 -5.27 5.40
C THR B 98 -0.94 -5.85 4.00
N VAL B 99 -1.92 -6.52 3.41
CA VAL B 99 -1.75 -7.22 2.15
C VAL B 99 -1.57 -6.21 1.02
N ALA B 100 -2.42 -5.21 0.91
CA ALA B 100 -2.19 -4.10 -0.03
C ALA B 100 -0.78 -3.48 0.14
N GLY B 101 -0.30 -3.35 1.40
CA GLY B 101 1.06 -2.87 1.60
C GLY B 101 2.11 -3.84 1.11
N TYR B 102 1.87 -5.16 1.28
CA TYR B 102 2.82 -6.12 0.77
C TYR B 102 2.90 -5.97 -0.73
N MET B 103 1.74 -5.95 -1.39
CA MET B 103 1.66 -5.94 -2.82
C MET B 103 2.29 -4.63 -3.33
N LEU B 104 1.93 -3.48 -2.76
CA LEU B 104 2.56 -2.23 -3.19
C LEU B 104 4.05 -2.28 -2.91
N THR B 105 4.48 -2.91 -1.83
CA THR B 105 5.92 -3.02 -1.59
C THR B 105 6.59 -3.70 -2.77
N PHE B 106 6.04 -4.84 -3.23
CA PHE B 106 6.71 -5.56 -4.31
C PHE B 106 6.60 -4.75 -5.60
N ALA B 107 5.44 -4.16 -5.88
CA ALA B 107 5.23 -3.46 -7.15
C ALA B 107 6.19 -2.25 -7.32
N ARG B 108 6.30 -1.47 -6.26
CA ARG B 108 7.06 -0.22 -6.29
C ARG B 108 8.48 -0.43 -5.80
N ARG B 109 8.83 -1.63 -5.30
CA ARG B 109 10.21 -1.98 -4.94
C ARG B 109 10.68 -1.31 -3.66
N LEU B 110 9.75 -1.03 -2.71
CA LEU B 110 10.06 -0.38 -1.44
C LEU B 110 11.04 -1.16 -0.59
N HIS B 111 10.94 -2.49 -0.64
CA HIS B 111 11.79 -3.33 0.21
C HIS B 111 13.24 -3.26 -0.24
N ALA B 112 13.52 -3.29 -1.54
CA ALA B 112 14.88 -3.12 -2.04
C ALA B 112 15.39 -1.73 -1.68
N TYR B 113 14.52 -0.68 -1.73
CA TYR B 113 14.93 0.66 -1.39
C TYR B 113 15.32 0.65 0.09
N ARG B 114 14.55 -0.04 0.92
CA ARG B 114 14.89 -0.05 2.33
C ARG B 114 16.22 -0.75 2.59
N ASP B 115 16.52 -1.84 1.85
CA ASP B 115 17.82 -2.50 1.97
C ASP B 115 18.93 -1.51 1.65
N ALA B 116 18.74 -0.73 0.58
CA ALA B 116 19.70 0.24 0.09
C ALA B 116 19.95 1.36 1.12
N GLN B 117 18.89 1.83 1.77
CA GLN B 117 18.96 2.81 2.84
C GLN B 117 19.93 2.38 3.96
N HIS B 118 19.97 1.09 4.31
CA HIS B 118 20.89 0.62 5.33
C HIS B 118 22.34 0.95 4.94
N ASP B 119 22.62 0.92 3.62
CA ASP B 119 23.95 1.03 3.06
C ASP B 119 24.19 2.43 2.48
N HIS B 120 23.29 3.40 2.68
CA HIS B 120 23.47 4.75 2.20
C HIS B 120 23.70 4.75 0.69
N ALA B 121 22.95 3.90 -0.02
CA ALA B 121 23.21 3.56 -1.40
C ALA B 121 22.01 4.03 -2.21
N TRP B 122 22.31 4.82 -3.24
CA TRP B 122 21.37 5.26 -4.24
C TRP B 122 21.45 4.21 -5.33
N ASP B 123 20.68 3.13 -5.22
CA ASP B 123 20.70 2.11 -6.26
C ASP B 123 19.39 2.25 -7.04
N LEU B 124 19.49 2.58 -8.31
CA LEU B 124 18.32 2.61 -9.18
C LEU B 124 17.90 1.19 -9.48
N PRO B 125 16.58 0.91 -9.58
CA PRO B 125 16.09 -0.43 -9.97
C PRO B 125 16.37 -0.65 -11.45
N ARG B 126 16.33 -1.89 -11.94
CA ARG B 126 16.42 -2.15 -13.38
C ARG B 126 15.07 -1.75 -13.97
N TYR B 127 15.08 -1.37 -15.26
CA TYR B 127 13.88 -0.85 -15.90
C TYR B 127 12.69 -1.80 -15.69
N GLU B 128 12.95 -3.13 -15.72
CA GLU B 128 11.91 -4.16 -15.75
C GLU B 128 11.25 -4.32 -14.37
N GLU B 129 11.88 -3.87 -13.26
CA GLU B 129 11.48 -4.22 -11.90
C GLU B 129 10.19 -3.50 -11.47
N PRO B 130 10.02 -2.15 -11.58
CA PRO B 130 8.86 -1.47 -10.99
C PRO B 130 7.61 -1.60 -11.85
N PHE B 131 6.48 -1.91 -11.23
CA PHE B 131 5.23 -2.05 -11.96
C PHE B 131 4.16 -1.42 -11.10
N THR B 132 2.98 -1.36 -11.66
CA THR B 132 1.82 -0.91 -10.91
C THR B 132 0.81 -2.03 -10.68
N LEU B 133 0.12 -1.98 -9.55
CA LEU B 133 -0.92 -2.95 -9.23
C LEU B 133 -2.14 -2.79 -10.15
N ALA B 134 -2.44 -1.57 -10.62
CA ALA B 134 -3.65 -1.37 -11.40
C ALA B 134 -3.63 -2.30 -12.61
N GLY B 135 -4.69 -3.11 -12.80
CA GLY B 135 -4.73 -4.07 -13.91
C GLY B 135 -4.07 -5.43 -13.65
N GLU B 136 -3.26 -5.58 -12.61
CA GLU B 136 -2.72 -6.88 -12.31
C GLU B 136 -3.80 -7.74 -11.65
N ARG B 137 -3.61 -9.06 -11.75
CA ARG B 137 -4.54 -10.03 -11.20
C ARG B 137 -4.08 -10.50 -9.80
N VAL B 138 -4.97 -10.44 -8.83
CA VAL B 138 -4.74 -11.11 -7.56
C VAL B 138 -5.81 -12.22 -7.40
N CYS B 139 -5.38 -13.39 -6.90
CA CYS B 139 -6.22 -14.50 -6.47
C CYS B 139 -6.26 -14.60 -4.95
N VAL B 140 -7.41 -14.41 -4.33
CA VAL B 140 -7.57 -14.53 -2.88
C VAL B 140 -8.24 -15.87 -2.57
N VAL B 141 -7.48 -16.72 -1.86
CA VAL B 141 -7.87 -18.07 -1.56
C VAL B 141 -8.54 -18.01 -0.19
N GLY B 142 -9.86 -18.11 -0.16
CA GLY B 142 -10.64 -17.91 1.07
C GLY B 142 -11.27 -16.52 1.08
N LEU B 143 -12.62 -16.52 1.13
CA LEU B 143 -13.46 -15.37 0.90
C LEU B 143 -14.48 -15.20 2.04
N GLY B 144 -14.14 -15.59 3.28
CA GLY B 144 -14.77 -15.03 4.47
C GLY B 144 -14.26 -13.60 4.76
N THR B 145 -14.31 -13.17 6.02
CA THR B 145 -14.07 -11.74 6.31
C THR B 145 -12.62 -11.36 6.06
N LEU B 146 -11.64 -12.23 6.37
CA LEU B 146 -10.25 -11.92 6.08
C LEU B 146 -10.07 -11.62 4.59
N GLY B 147 -10.50 -12.53 3.73
CA GLY B 147 -10.22 -12.38 2.33
C GLY B 147 -10.96 -11.19 1.73
N ARG B 148 -12.17 -10.94 2.19
CA ARG B 148 -12.99 -9.84 1.70
C ARG B 148 -12.29 -8.50 1.98
N GLY B 149 -11.60 -8.44 3.11
CA GLY B 149 -10.72 -7.33 3.48
C GLY B 149 -9.60 -7.14 2.47
N VAL B 150 -8.99 -8.28 2.06
CA VAL B 150 -7.98 -8.18 1.02
C VAL B 150 -8.61 -7.68 -0.28
N VAL B 151 -9.73 -8.31 -0.65
CA VAL B 151 -10.37 -8.08 -1.93
C VAL B 151 -10.70 -6.59 -2.10
N ASP B 152 -11.41 -6.00 -1.15
CA ASP B 152 -11.89 -4.63 -1.21
C ASP B 152 -10.74 -3.65 -1.46
N ARG B 153 -9.59 -3.81 -0.79
CA ARG B 153 -8.46 -2.94 -0.99
C ARG B 153 -7.78 -3.25 -2.31
N ALA B 154 -7.78 -4.51 -2.74
CA ALA B 154 -7.19 -4.77 -4.05
C ALA B 154 -8.07 -4.13 -5.12
N ALA B 155 -9.40 -4.17 -4.98
CA ALA B 155 -10.29 -3.60 -6.00
C ALA B 155 -10.20 -2.08 -5.97
N ALA B 156 -10.01 -1.49 -4.77
CA ALA B 156 -9.84 -0.06 -4.61
C ALA B 156 -8.61 0.43 -5.37
N LEU B 157 -7.50 -0.34 -5.34
CA LEU B 157 -6.30 -0.05 -6.09
C LEU B 157 -6.40 -0.44 -7.56
N GLY B 158 -7.58 -0.86 -8.09
CA GLY B 158 -7.71 -1.12 -9.53
C GLY B 158 -7.20 -2.51 -9.95
N MET B 159 -7.03 -3.45 -9.02
CA MET B 159 -6.58 -4.79 -9.40
C MET B 159 -7.72 -5.61 -10.03
N GLU B 160 -7.40 -6.54 -10.89
CA GLU B 160 -8.37 -7.60 -11.24
C GLU B 160 -8.33 -8.67 -10.14
N VAL B 161 -9.48 -8.91 -9.51
CA VAL B 161 -9.64 -9.76 -8.38
C VAL B 161 -10.43 -11.02 -8.76
N VAL B 162 -9.79 -12.19 -8.56
CA VAL B 162 -10.44 -13.50 -8.55
C VAL B 162 -10.20 -14.14 -7.19
N GLY B 163 -10.96 -15.18 -6.92
CA GLY B 163 -10.74 -15.92 -5.69
C GLY B 163 -11.33 -17.32 -5.70
N VAL B 164 -11.18 -17.97 -4.54
CA VAL B 164 -11.46 -19.35 -4.31
C VAL B 164 -12.31 -19.46 -3.05
N ARG B 165 -13.51 -20.03 -3.15
CA ARG B 165 -14.18 -20.42 -1.92
C ARG B 165 -15.01 -21.68 -2.16
N ARG B 166 -15.36 -22.31 -1.03
CA ARG B 166 -15.99 -23.64 -1.03
C ARG B 166 -17.30 -23.57 -1.81
N SER B 167 -18.20 -22.65 -1.44
CA SER B 167 -19.50 -22.57 -2.12
C SER B 167 -19.40 -22.22 -3.61
N GLY B 168 -18.35 -21.55 -4.12
CA GLY B 168 -18.32 -21.09 -5.51
C GLY B 168 -19.25 -19.89 -5.82
N ASP B 169 -19.91 -19.38 -4.78
CA ASP B 169 -20.92 -18.34 -4.90
C ASP B 169 -20.24 -16.97 -5.03
N PRO B 170 -20.85 -16.03 -5.79
CA PRO B 170 -20.29 -14.70 -5.99
C PRO B 170 -20.05 -13.90 -4.72
N VAL B 171 -19.04 -13.01 -4.80
CA VAL B 171 -18.63 -12.14 -3.68
C VAL B 171 -18.39 -10.77 -4.28
N ASP B 172 -18.88 -9.73 -3.59
CA ASP B 172 -18.70 -8.36 -4.07
C ASP B 172 -17.21 -8.06 -4.32
N ASN B 173 -16.91 -7.45 -5.49
CA ASN B 173 -15.59 -7.01 -5.92
C ASN B 173 -14.74 -8.16 -6.42
N VAL B 174 -15.28 -9.37 -6.55
CA VAL B 174 -14.52 -10.46 -7.10
C VAL B 174 -15.13 -10.75 -8.47
N SER B 175 -14.30 -10.65 -9.52
CA SER B 175 -14.78 -10.88 -10.88
C SER B 175 -15.16 -12.36 -11.10
N THR B 176 -14.30 -13.32 -10.71
CA THR B 176 -14.50 -14.76 -10.85
C THR B 176 -14.20 -15.47 -9.53
N VAL B 177 -15.20 -16.15 -8.98
CA VAL B 177 -15.02 -17.09 -7.87
C VAL B 177 -14.85 -18.52 -8.38
N TYR B 178 -13.78 -19.20 -8.01
CA TYR B 178 -13.60 -20.63 -8.30
C TYR B 178 -13.83 -21.45 -7.03
N THR B 179 -14.30 -22.70 -7.22
CA THR B 179 -14.36 -23.74 -6.19
C THR B 179 -12.95 -24.27 -5.94
N PRO B 180 -12.62 -24.88 -4.75
CA PRO B 180 -11.28 -25.34 -4.46
C PRO B 180 -10.69 -26.44 -5.34
N ASP B 181 -11.54 -27.07 -6.10
CA ASP B 181 -11.04 -28.05 -7.08
C ASP B 181 -10.63 -27.35 -8.35
N ARG B 182 -10.81 -26.02 -8.49
CA ARG B 182 -10.19 -25.31 -9.61
C ARG B 182 -9.09 -24.34 -9.14
N LEU B 183 -8.46 -24.67 -7.99
CA LEU B 183 -7.38 -23.88 -7.44
C LEU B 183 -6.33 -23.54 -8.50
N HIS B 184 -5.91 -24.57 -9.27
CA HIS B 184 -4.82 -24.37 -10.24
C HIS B 184 -5.21 -23.35 -11.30
N GLU B 185 -6.46 -23.42 -11.73
CA GLU B 185 -7.00 -22.51 -12.71
C GLU B 185 -7.00 -21.10 -12.14
N ALA B 186 -7.37 -20.96 -10.85
CA ALA B 186 -7.52 -19.66 -10.20
C ALA B 186 -6.19 -18.92 -10.04
N ILE B 187 -5.08 -19.63 -9.83
CA ILE B 187 -3.79 -19.07 -9.48
C ILE B 187 -2.84 -18.97 -10.67
N ALA B 188 -3.20 -19.63 -11.77
CA ALA B 188 -2.28 -19.78 -12.88
C ALA B 188 -1.92 -18.41 -13.44
N ASP B 189 -2.90 -17.50 -13.59
CA ASP B 189 -2.67 -16.18 -14.22
C ASP B 189 -2.52 -15.03 -13.21
N ALA B 190 -2.35 -15.31 -11.91
CA ALA B 190 -2.38 -14.27 -10.86
C ALA B 190 -0.96 -13.74 -10.61
N ARG B 191 -0.85 -12.39 -10.45
CA ARG B 191 0.43 -11.80 -10.09
C ARG B 191 0.69 -12.05 -8.61
N PHE B 192 -0.38 -12.01 -7.80
CA PHE B 192 -0.30 -12.38 -6.40
C PHE B 192 -1.37 -13.42 -6.10
N VAL B 193 -0.98 -14.42 -5.28
CA VAL B 193 -1.86 -15.36 -4.69
C VAL B 193 -1.86 -15.13 -3.21
N VAL B 194 -3.04 -14.88 -2.64
CA VAL B 194 -3.11 -14.56 -1.24
C VAL B 194 -3.90 -15.63 -0.51
N LEU B 195 -3.36 -16.12 0.60
CA LEU B 195 -3.96 -17.21 1.35
C LEU B 195 -4.67 -16.61 2.56
N ALA B 196 -5.98 -16.78 2.64
CA ALA B 196 -6.81 -16.17 3.69
C ALA B 196 -7.91 -17.12 4.20
N THR B 197 -7.64 -18.45 4.25
CA THR B 197 -8.60 -19.45 4.71
C THR B 197 -8.25 -19.86 6.11
N PRO B 198 -9.23 -20.34 6.90
CA PRO B 198 -8.94 -21.09 8.14
C PRO B 198 -8.12 -22.34 7.84
N LEU B 199 -7.21 -22.71 8.75
CA LEU B 199 -6.51 -23.99 8.74
C LEU B 199 -7.50 -25.03 9.20
N THR B 200 -7.86 -25.94 8.28
CA THR B 200 -8.62 -27.16 8.55
C THR B 200 -7.85 -28.35 7.97
N ASP B 201 -8.39 -29.54 8.24
CA ASP B 201 -8.04 -30.80 7.59
C ASP B 201 -7.96 -30.62 6.07
N GLU B 202 -8.98 -29.98 5.47
CA GLU B 202 -9.15 -29.79 4.05
C GLU B 202 -8.08 -28.82 3.54
N THR B 203 -7.68 -27.76 4.30
CA THR B 203 -6.77 -26.70 3.78
C THR B 203 -5.33 -26.97 4.15
N GLU B 204 -5.06 -27.81 5.15
CA GLU B 204 -3.67 -28.04 5.51
C GLU B 204 -2.88 -28.55 4.30
N GLY B 205 -1.77 -27.87 4.02
CA GLY B 205 -0.83 -28.25 3.00
C GLY B 205 -1.39 -28.04 1.60
N MET B 206 -2.47 -27.27 1.42
CA MET B 206 -3.01 -27.10 0.07
C MET B 206 -2.06 -26.40 -0.92
N VAL B 207 -1.05 -25.63 -0.46
CA VAL B 207 -0.14 -24.95 -1.36
C VAL B 207 1.23 -25.59 -1.21
N ALA B 208 1.68 -26.28 -2.28
CA ALA B 208 2.85 -27.13 -2.24
C ALA B 208 3.51 -27.09 -3.60
N ALA B 209 4.49 -27.98 -3.85
CA ALA B 209 5.28 -27.89 -5.07
C ALA B 209 4.43 -27.80 -6.33
N PRO B 210 3.31 -28.56 -6.50
CA PRO B 210 2.55 -28.46 -7.73
C PRO B 210 1.89 -27.09 -7.94
N GLU B 211 1.41 -26.47 -6.86
CA GLU B 211 0.85 -25.12 -6.95
C GLU B 211 1.89 -24.07 -7.36
N PHE B 212 3.09 -24.17 -6.78
CA PHE B 212 4.21 -23.31 -7.13
C PHE B 212 4.61 -23.52 -8.58
N GLU B 213 4.42 -24.75 -9.10
CA GLU B 213 4.72 -25.05 -10.49
C GLU B 213 3.62 -24.39 -11.29
N THR B 214 2.34 -24.52 -10.94
CA THR B 214 1.33 -23.84 -11.78
C THR B 214 1.51 -22.31 -11.77
N MET B 215 1.95 -21.74 -10.66
CA MET B 215 1.97 -20.27 -10.49
C MET B 215 2.95 -19.65 -11.48
N ARG B 216 2.70 -18.40 -11.89
CA ARG B 216 3.63 -17.70 -12.77
C ARG B 216 4.95 -17.50 -12.06
N GLU B 217 6.03 -17.52 -12.81
CA GLU B 217 7.37 -17.32 -12.25
C GLU B 217 7.66 -15.89 -11.82
N ASP B 218 6.87 -14.91 -12.27
CA ASP B 218 6.95 -13.56 -11.76
C ASP B 218 5.92 -13.36 -10.63
N ALA B 219 5.25 -14.41 -10.09
CA ALA B 219 4.16 -14.20 -9.13
C ALA B 219 4.71 -14.29 -7.73
N SER B 220 3.97 -13.68 -6.79
CA SER B 220 4.30 -13.82 -5.39
C SER B 220 3.15 -14.44 -4.58
N LEU B 221 3.52 -15.20 -3.54
CA LEU B 221 2.55 -15.80 -2.64
C LEU B 221 2.47 -14.92 -1.40
N VAL B 222 1.24 -14.70 -0.87
CA VAL B 222 1.10 -14.01 0.40
C VAL B 222 0.44 -15.00 1.34
N ASN B 223 1.04 -15.21 2.50
CA ASN B 223 0.33 -15.99 3.50
C ASN B 223 -0.04 -15.15 4.71
N VAL B 224 -1.35 -14.93 4.90
CA VAL B 224 -1.94 -14.36 6.09
C VAL B 224 -3.02 -15.30 6.63
N ALA B 225 -2.85 -16.62 6.42
CA ALA B 225 -3.80 -17.61 6.91
C ALA B 225 -3.13 -18.29 8.11
N ARG B 226 -2.57 -19.51 7.93
CA ARG B 226 -1.64 -20.12 8.89
C ARG B 226 -0.55 -20.79 8.11
N GLY B 227 0.58 -20.91 8.78
CA GLY B 227 1.78 -21.48 8.19
C GLY B 227 1.47 -22.80 7.49
N PRO B 228 0.85 -23.80 8.15
CA PRO B 228 0.63 -25.13 7.53
C PRO B 228 -0.39 -25.22 6.37
N VAL B 229 -1.02 -24.10 5.95
CA VAL B 229 -1.70 -24.04 4.65
C VAL B 229 -0.70 -24.28 3.49
N VAL B 230 0.57 -23.90 3.74
CA VAL B 230 1.67 -24.02 2.82
C VAL B 230 2.59 -25.14 3.31
N VAL B 231 3.13 -25.95 2.39
CA VAL B 231 4.23 -26.85 2.72
C VAL B 231 5.54 -26.04 2.66
N GLU B 232 6.07 -25.65 3.83
CA GLU B 232 7.11 -24.62 3.92
C GLU B 232 8.40 -25.01 3.16
N SER B 233 8.79 -26.30 3.15
CA SER B 233 9.97 -26.77 2.43
C SER B 233 9.82 -26.58 0.93
N ASP B 234 8.61 -26.82 0.41
CA ASP B 234 8.30 -26.67 -1.00
C ASP B 234 8.32 -25.18 -1.37
N LEU B 235 7.91 -24.31 -0.44
CA LEU B 235 8.03 -22.88 -0.67
C LEU B 235 9.51 -22.48 -0.82
N VAL B 236 10.35 -22.93 0.11
CA VAL B 236 11.78 -22.67 0.02
C VAL B 236 12.32 -23.16 -1.33
N ALA B 237 11.94 -24.36 -1.73
CA ALA B 237 12.48 -24.89 -2.97
C ALA B 237 11.95 -24.09 -4.16
N ALA B 238 10.66 -23.74 -4.11
CA ALA B 238 10.10 -22.99 -5.21
C ALA B 238 10.80 -21.62 -5.35
N LEU B 239 11.20 -21.02 -4.21
CA LEU B 239 11.90 -19.73 -4.22
C LEU B 239 13.32 -19.95 -4.79
N ASP B 240 14.05 -20.94 -4.28
CA ASP B 240 15.41 -21.26 -4.75
C ASP B 240 15.46 -21.49 -6.26
N SER B 241 14.47 -22.21 -6.80
CA SER B 241 14.40 -22.57 -8.22
C SER B 241 13.82 -21.51 -9.13
N GLY B 242 13.16 -20.44 -8.60
CA GLY B 242 12.51 -19.45 -9.44
C GLY B 242 11.15 -19.90 -9.98
N ASP B 243 10.54 -20.91 -9.34
CA ASP B 243 9.19 -21.31 -9.68
C ASP B 243 8.19 -20.19 -9.45
N ILE B 244 8.40 -19.40 -8.37
CA ILE B 244 7.73 -18.13 -8.17
C ILE B 244 8.81 -17.09 -7.87
N ALA B 245 8.50 -15.78 -7.98
CA ALA B 245 9.46 -14.70 -7.75
C ALA B 245 9.64 -14.41 -6.26
N GLY B 246 8.61 -14.47 -5.44
CA GLY B 246 8.79 -14.11 -4.04
C GLY B 246 7.52 -14.40 -3.22
N ALA B 247 7.52 -13.89 -2.00
CA ALA B 247 6.46 -14.17 -1.05
C ALA B 247 6.40 -13.06 -0.01
N ALA B 248 5.23 -12.88 0.60
CA ALA B 248 5.12 -12.11 1.83
C ALA B 248 4.47 -13.02 2.82
N LEU B 249 5.15 -13.25 3.95
CA LEU B 249 4.73 -14.26 4.90
C LEU B 249 4.57 -13.62 6.27
N ASP B 250 3.37 -13.73 6.83
CA ASP B 250 3.03 -13.33 8.17
C ASP B 250 2.93 -14.52 9.13
N VAL B 251 2.78 -15.75 8.63
CA VAL B 251 2.59 -16.92 9.45
C VAL B 251 3.51 -18.06 8.98
N PHE B 252 3.86 -18.94 9.90
CA PHE B 252 4.87 -19.97 9.64
C PHE B 252 4.56 -21.27 10.40
N SER B 253 5.20 -22.36 9.94
CA SER B 253 4.91 -23.66 10.55
C SER B 253 5.39 -23.68 11.99
N GLU B 254 6.51 -23.06 12.31
CA GLU B 254 6.94 -22.75 13.67
C GLU B 254 7.10 -21.24 13.86
N GLU B 255 6.50 -20.71 14.92
CA GLU B 255 6.57 -19.30 15.25
C GLU B 255 7.04 -19.20 16.70
N PRO B 256 8.02 -18.34 17.05
CA PRO B 256 8.82 -17.55 16.13
C PRO B 256 9.56 -18.27 15.03
N LEU B 257 9.74 -17.61 13.86
CA LEU B 257 10.35 -18.29 12.73
C LEU B 257 11.79 -18.55 13.12
N PRO B 258 12.27 -19.80 13.32
CA PRO B 258 13.66 -20.00 13.74
C PRO B 258 14.67 -19.24 12.87
N GLU B 259 15.68 -18.68 13.54
CA GLU B 259 16.78 -17.90 12.98
C GLU B 259 17.47 -18.57 11.78
N ASP B 260 17.49 -19.91 11.69
CA ASP B 260 18.22 -20.63 10.64
C ASP B 260 17.35 -20.88 9.40
N SER B 261 16.07 -20.47 9.41
CA SER B 261 15.19 -20.65 8.24
C SER B 261 15.80 -19.95 7.02
N PRO B 262 15.80 -20.58 5.83
CA PRO B 262 16.19 -19.89 4.60
C PRO B 262 15.25 -18.72 4.22
N LEU B 263 14.01 -18.70 4.74
CA LEU B 263 13.04 -17.70 4.33
C LEU B 263 13.54 -16.28 4.65
N TRP B 264 14.23 -16.05 5.76
CA TRP B 264 14.82 -14.77 6.10
C TRP B 264 15.70 -14.17 5.02
N ASP B 265 16.39 -14.93 4.18
CA ASP B 265 17.48 -14.38 3.41
C ASP B 265 17.11 -14.19 1.94
N PHE B 266 15.90 -14.51 1.48
CA PHE B 266 15.54 -14.10 0.11
C PHE B 266 15.20 -12.59 0.08
N GLU B 267 15.78 -11.87 -0.88
CA GLU B 267 15.49 -10.46 -1.06
C GLU B 267 13.98 -10.19 -1.29
N ASP B 268 13.36 -11.01 -2.14
CA ASP B 268 11.96 -10.91 -2.49
C ASP B 268 11.05 -11.73 -1.61
N VAL B 269 11.47 -12.04 -0.36
CA VAL B 269 10.53 -12.47 0.66
C VAL B 269 10.42 -11.35 1.68
N LEU B 270 9.20 -11.11 2.19
CA LEU B 270 8.95 -10.26 3.32
C LEU B 270 8.50 -11.19 4.41
N ILE B 271 9.25 -11.18 5.51
CA ILE B 271 8.85 -11.81 6.75
C ILE B 271 8.18 -10.77 7.64
N THR B 272 6.96 -11.01 8.09
CA THR B 272 6.42 -10.25 9.19
C THR B 272 5.98 -11.14 10.34
N PRO B 273 6.09 -10.68 11.62
CA PRO B 273 5.91 -11.61 12.76
C PRO B 273 4.50 -11.82 13.30
N HIS B 274 3.63 -12.36 12.46
CA HIS B 274 2.27 -12.64 12.88
C HIS B 274 1.67 -11.36 13.44
N VAL B 275 1.66 -10.32 12.61
CA VAL B 275 1.21 -8.98 12.96
C VAL B 275 0.28 -8.40 11.89
N SER B 276 -0.22 -9.19 10.94
CA SER B 276 -0.99 -8.64 9.85
C SER B 276 -2.28 -8.04 10.38
N ALA B 277 -2.69 -8.49 11.57
CA ALA B 277 -3.90 -7.96 12.23
C ALA B 277 -3.62 -7.04 13.44
N ALA B 278 -2.35 -6.71 13.70
CA ALA B 278 -2.01 -5.81 14.80
C ALA B 278 -2.68 -4.45 14.55
N THR B 279 -3.34 -3.91 15.59
CA THR B 279 -3.87 -2.57 15.59
C THR B 279 -3.83 -2.01 16.99
N SER B 280 -3.39 -0.73 17.07
CA SER B 280 -3.33 0.02 18.32
C SER B 280 -4.76 0.26 18.88
N LYS B 281 -5.83 -0.05 18.09
CA LYS B 281 -7.21 0.11 18.53
C LYS B 281 -7.89 -1.23 18.78
N TYR B 282 -7.14 -2.34 18.99
CA TYR B 282 -7.76 -3.65 19.08
C TYR B 282 -8.84 -3.61 20.20
N HIS B 283 -8.54 -2.97 21.32
CA HIS B 283 -9.39 -2.78 22.49
C HIS B 283 -10.74 -2.16 22.13
N GLU B 284 -10.75 -1.08 21.32
CA GLU B 284 -12.00 -0.47 20.87
C GLU B 284 -12.78 -1.39 19.92
N ASP B 285 -12.09 -2.21 19.11
CA ASP B 285 -12.75 -3.08 18.16
C ASP B 285 -13.44 -4.24 18.89
N VAL B 286 -12.76 -4.83 19.88
CA VAL B 286 -13.39 -5.85 20.71
C VAL B 286 -14.48 -5.21 21.58
N ALA B 287 -14.21 -4.03 22.18
CA ALA B 287 -15.20 -3.38 23.04
C ALA B 287 -16.51 -3.08 22.29
N ALA B 288 -16.44 -2.76 21.00
CA ALA B 288 -17.63 -2.47 20.21
C ALA B 288 -18.51 -3.73 20.05
N LEU B 289 -17.93 -4.93 19.95
CA LEU B 289 -18.72 -6.16 19.92
C LEU B 289 -19.37 -6.44 21.28
N ILE B 290 -18.60 -6.29 22.36
CA ILE B 290 -19.12 -6.48 23.71
C ILE B 290 -20.38 -5.61 23.83
N ARG B 291 -20.23 -4.29 23.53
CA ARG B 291 -21.28 -3.27 23.62
C ARG B 291 -22.51 -3.64 22.80
N GLU B 292 -22.29 -4.01 21.52
CA GLU B 292 -23.36 -4.47 20.64
C GLU B 292 -24.15 -5.64 21.26
N ASN B 293 -23.50 -6.60 21.93
CA ASN B 293 -24.19 -7.76 22.47
C ASN B 293 -24.88 -7.50 23.82
N ILE B 294 -24.43 -6.51 24.60
CA ILE B 294 -25.09 -6.05 25.82
C ILE B 294 -26.44 -5.45 25.48
N GLU B 295 -26.42 -4.51 24.52
CA GLU B 295 -27.61 -3.88 23.99
C GLU B 295 -28.52 -4.90 23.31
N LYS B 296 -27.98 -6.01 22.78
CA LYS B 296 -28.78 -7.08 22.21
C LYS B 296 -29.37 -8.02 23.27
N ILE B 297 -28.70 -8.23 24.42
CA ILE B 297 -29.28 -9.02 25.50
C ILE B 297 -30.49 -8.29 26.11
N ALA B 298 -30.43 -6.93 26.19
CA ALA B 298 -31.42 -6.07 26.83
C ALA B 298 -32.73 -5.90 26.03
N THR B 299 -32.71 -6.09 24.68
CA THR B 299 -33.91 -6.06 23.84
C THR B 299 -34.42 -7.47 23.50
N GLY B 300 -33.60 -8.51 23.73
CA GLY B 300 -33.96 -9.89 23.48
C GLY B 300 -33.54 -10.41 22.10
N ASP B 301 -32.79 -9.60 21.32
CA ASP B 301 -32.27 -9.98 20.00
C ASP B 301 -31.16 -11.00 20.20
N GLU B 302 -30.85 -11.83 19.19
CA GLU B 302 -29.84 -12.89 19.31
C GLU B 302 -28.45 -12.24 19.16
N LEU B 303 -27.41 -12.90 19.68
CA LEU B 303 -26.06 -12.34 19.75
C LEU B 303 -25.32 -12.47 18.41
N THR B 304 -24.59 -11.41 18.04
CA THR B 304 -23.62 -11.44 16.95
C THR B 304 -22.45 -12.33 17.36
N ASN B 305 -21.98 -13.15 16.39
CA ASN B 305 -20.83 -14.04 16.56
C ASN B 305 -21.12 -15.06 17.65
N ARG B 306 -22.33 -15.64 17.63
CA ARG B 306 -22.70 -16.66 18.58
C ARG B 306 -22.23 -18.02 18.08
N VAL B 307 -21.48 -18.75 18.93
CA VAL B 307 -21.02 -20.11 18.73
C VAL B 307 -22.08 -21.07 19.33
N VAL B 308 -22.40 -20.87 20.61
CA VAL B 308 -23.40 -21.68 21.31
C VAL B 308 -24.09 -20.79 22.35
#